data_9PZ6
#
_entry.id   9PZ6
#
_cell.length_a   46.974
_cell.length_b   71.761
_cell.length_c   137.364
_cell.angle_alpha   90.000
_cell.angle_beta   90.000
_cell.angle_gamma   90.000
#
_symmetry.space_group_name_H-M   'P 21 21 21'
#
loop_
_entity.id
_entity.type
_entity.pdbx_description
1 polymer 'IgG heavy chain'
2 polymer 'IgG light chain'
3 non-polymer 'TRIETHYLENE GLYCOL'
4 non-polymer 'SODIUM ION'
5 non-polymer DI(HYDROXYETHYL)ETHER
6 water water
#
loop_
_entity_poly.entity_id
_entity_poly.type
_entity_poly.pdbx_seq_one_letter_code
_entity_poly.pdbx_strand_id
1 'polypeptide(L)'
;EVQLVESGGGLVQPGRSLRLPCTASGFSFGDHAMSWVRQAPGKGLEWVGFIRKTTYGATTHYAAAVRGRFTISRDDSKSI
VYLQMNSLKTEDTAVYFCTRVQLDYGPGYQYYGMDVWGQGTTVTVSSASTKGPSVFPLAPSSKSTSGGTAALGCLVKDYF
PEPVTVSWNSGALTSGVHTFPAVLQSSGLYSLSSVVTVPSSSLGTQTYICNVNHKPSNTKVDKKVEPKSC
;
H
2 'polypeptide(L)'
;ESVLTQPPSVSGAPGQRVTISCTGMNSNIGAGYDVYWYQQLPGRAPKLLIYGNSNRPSGVPDRFSGSRSGTSASLAITGL
QAEDEADYYCQSYDTSLNGWAFGGGTKLTVLTQPKAAPSVTLFPPSSEELQANKATLVCLVSDFYPGAVTVAWKADGSPV
KVGVETTKPSKQSNNKYAASSYLSLTPEQWKSHRSYSCRVTHEGSTVEKTVAPAECS
;
L
#
# COMPACT_ATOMS: atom_id res chain seq x y z
N GLU A 1 5.46 -29.73 -9.44
CA GLU A 1 4.56 -28.64 -9.79
C GLU A 1 5.32 -27.48 -10.45
N VAL A 2 4.58 -26.61 -11.13
CA VAL A 2 5.18 -25.44 -11.77
C VAL A 2 5.57 -24.47 -10.67
N GLN A 3 6.77 -23.88 -10.80
CA GLN A 3 7.36 -23.15 -9.69
CA GLN A 3 7.36 -23.15 -9.71
C GLN A 3 8.36 -22.14 -10.27
N LEU A 4 8.42 -20.96 -9.64
CA LEU A 4 9.37 -19.91 -9.99
C LEU A 4 9.98 -19.40 -8.70
N VAL A 5 11.29 -19.20 -8.69
CA VAL A 5 12.00 -18.81 -7.47
C VAL A 5 12.97 -17.67 -7.81
N GLU A 6 12.65 -16.46 -7.35
CA GLU A 6 13.53 -15.31 -7.47
C GLU A 6 14.61 -15.35 -6.39
N SER A 7 15.78 -14.80 -6.70
CA SER A 7 16.79 -14.56 -5.66
C SER A 7 17.40 -13.19 -5.88
N GLY A 8 18.32 -12.80 -5.00
CA GLY A 8 19.08 -11.60 -5.24
C GLY A 8 18.55 -10.31 -4.67
N GLY A 9 17.51 -10.34 -3.84
CA GLY A 9 17.06 -9.07 -3.29
C GLY A 9 18.09 -8.39 -2.40
N GLY A 10 17.77 -7.20 -1.91
CA GLY A 10 18.61 -6.56 -0.92
C GLY A 10 18.45 -5.05 -0.93
N LEU A 11 19.37 -4.40 -0.22
CA LEU A 11 19.38 -2.96 -0.02
C LEU A 11 20.51 -2.40 -0.87
N VAL A 12 20.21 -1.43 -1.72
CA VAL A 12 21.21 -0.86 -2.62
C VAL A 12 21.03 0.65 -2.67
N GLN A 13 22.13 1.37 -2.86
CA GLN A 13 22.08 2.82 -2.88
C GLN A 13 21.53 3.33 -4.22
N PRO A 14 20.89 4.49 -4.21
CA PRO A 14 20.47 5.10 -5.48
C PRO A 14 21.64 5.24 -6.44
N GLY A 15 21.38 5.00 -7.72
CA GLY A 15 22.41 5.06 -8.75
C GLY A 15 23.22 3.80 -8.95
N ARG A 16 23.01 2.76 -8.16
CA ARG A 16 23.75 1.52 -8.33
C ARG A 16 22.90 0.49 -9.07
N SER A 17 23.35 -0.76 -9.05
N SER A 17 23.35 -0.76 -9.07
CA SER A 17 22.78 -1.82 -9.87
CA SER A 17 22.68 -1.79 -9.88
C SER A 17 22.53 -3.06 -9.03
C SER A 17 22.59 -3.09 -9.10
N LEU A 18 21.67 -3.93 -9.54
CA LEU A 18 21.33 -5.19 -8.90
C LEU A 18 20.79 -6.13 -9.97
N ARG A 19 21.16 -7.40 -9.90
CA ARG A 19 20.58 -8.43 -10.77
C ARG A 19 19.71 -9.39 -9.97
N LEU A 20 18.51 -9.68 -10.49
CA LEU A 20 17.64 -10.69 -9.88
C LEU A 20 17.51 -11.89 -10.80
N PRO A 21 18.04 -13.05 -10.41
CA PRO A 21 17.72 -14.28 -11.14
C PRO A 21 16.38 -14.85 -10.69
N CYS A 22 15.72 -15.52 -11.64
N CYS A 22 15.70 -15.50 -11.62
CA CYS A 22 14.49 -16.26 -11.38
CA CYS A 22 14.52 -16.27 -11.27
C CYS A 22 14.62 -17.65 -11.98
C CYS A 22 14.61 -17.62 -11.95
N THR A 23 14.57 -18.67 -11.15
CA THR A 23 14.75 -20.05 -11.62
C THR A 23 13.39 -20.70 -11.78
N ALA A 24 13.17 -21.33 -12.93
CA ALA A 24 11.91 -22.01 -13.20
C ALA A 24 12.10 -23.52 -13.10
N SER A 25 11.05 -24.21 -12.63
CA SER A 25 11.05 -25.67 -12.59
C SER A 25 9.64 -26.21 -12.79
N GLY A 26 9.57 -27.48 -13.18
CA GLY A 26 8.28 -28.13 -13.34
C GLY A 26 7.62 -27.92 -14.68
N PHE A 27 8.28 -27.25 -15.62
CA PHE A 27 7.75 -27.02 -16.96
C PHE A 27 8.93 -26.69 -17.86
N SER A 28 8.66 -26.62 -19.17
N SER A 28 8.66 -26.62 -19.17
CA SER A 28 9.70 -26.30 -20.13
CA SER A 28 9.70 -26.29 -20.14
C SER A 28 9.85 -24.78 -20.22
C SER A 28 9.84 -24.78 -20.21
N PHE A 29 10.87 -24.26 -19.54
CA PHE A 29 11.07 -22.82 -19.44
C PHE A 29 11.09 -22.15 -20.81
N GLY A 30 11.82 -22.74 -21.76
CA GLY A 30 12.00 -22.13 -23.05
C GLY A 30 10.75 -21.99 -23.88
N ASP A 31 9.69 -22.74 -23.54
CA ASP A 31 8.43 -22.62 -24.27
C ASP A 31 7.63 -21.36 -23.92
N HIS A 32 8.06 -20.56 -22.95
CA HIS A 32 7.22 -19.48 -22.45
C HIS A 32 7.95 -18.15 -22.51
N ALA A 33 7.20 -17.10 -22.84
CA ALA A 33 7.61 -15.76 -22.49
C ALA A 33 7.55 -15.61 -20.97
N MET A 34 8.35 -14.69 -20.43
CA MET A 34 8.35 -14.42 -19.00
C MET A 34 8.26 -12.93 -18.74
N SER A 35 7.59 -12.59 -17.66
CA SER A 35 7.23 -11.20 -17.40
C SER A 35 7.55 -10.87 -15.95
N TRP A 36 8.06 -9.64 -15.72
CA TRP A 36 8.31 -9.16 -14.37
C TRP A 36 7.28 -8.12 -13.98
N VAL A 37 6.80 -8.21 -12.73
CA VAL A 37 5.85 -7.25 -12.15
C VAL A 37 6.37 -6.83 -10.77
N ARG A 38 6.10 -5.59 -10.39
CA ARG A 38 6.58 -5.14 -9.09
C ARG A 38 5.47 -4.52 -8.25
N GLN A 39 5.71 -4.44 -6.94
CA GLN A 39 4.72 -3.90 -6.03
C GLN A 39 5.44 -3.13 -4.93
N ALA A 40 5.43 -1.81 -5.02
CA ALA A 40 6.04 -1.00 -3.99
C ALA A 40 5.29 -1.22 -2.67
N PRO A 41 5.97 -1.03 -1.53
CA PRO A 41 5.31 -1.26 -0.24
C PRO A 41 4.05 -0.41 -0.15
N GLY A 42 2.94 -1.06 0.19
CA GLY A 42 1.63 -0.41 0.28
C GLY A 42 0.93 -0.08 -1.02
N LYS A 43 1.47 -0.45 -2.17
CA LYS A 43 0.92 0.05 -3.42
C LYS A 43 0.40 -1.12 -4.26
N GLY A 44 -0.05 -0.80 -5.46
CA GLY A 44 -0.63 -1.80 -6.34
C GLY A 44 0.42 -2.45 -7.21
N LEU A 45 -0.04 -3.33 -8.09
CA LEU A 45 0.85 -3.98 -9.04
C LEU A 45 1.25 -3.03 -10.17
N GLU A 46 2.48 -3.19 -10.67
CA GLU A 46 3.02 -2.36 -11.75
C GLU A 46 3.89 -3.23 -12.64
N TRP A 47 3.55 -3.30 -13.94
CA TRP A 47 4.32 -4.13 -14.85
C TRP A 47 5.72 -3.55 -15.06
N VAL A 48 6.72 -4.41 -15.09
CA VAL A 48 8.10 -3.99 -15.35
C VAL A 48 8.49 -4.23 -16.78
N GLY A 49 8.35 -5.47 -17.27
CA GLY A 49 8.74 -5.80 -18.63
C GLY A 49 8.57 -7.29 -18.86
N PHE A 50 8.80 -7.70 -20.10
CA PHE A 50 8.70 -9.12 -20.42
C PHE A 50 9.66 -9.45 -21.55
N ILE A 51 9.90 -10.74 -21.74
CA ILE A 51 10.88 -11.23 -22.71
C ILE A 51 10.24 -12.38 -23.46
N ARG A 52 10.42 -12.39 -24.78
N ARG A 52 10.44 -12.41 -24.77
CA ARG A 52 9.84 -13.41 -25.64
CA ARG A 52 9.82 -13.42 -25.61
C ARG A 52 10.69 -14.68 -25.65
C ARG A 52 10.71 -14.66 -25.67
N LYS A 53 10.19 -15.71 -26.32
CA LYS A 53 10.97 -16.92 -26.49
C LYS A 53 12.20 -16.64 -27.35
N THR A 54 13.25 -17.45 -27.13
CA THR A 54 14.51 -17.27 -27.84
C THR A 54 14.35 -17.52 -29.34
N THR A 55 13.44 -18.42 -29.69
CA THR A 55 13.25 -18.67 -31.11
C THR A 55 12.80 -17.42 -31.85
N TYR A 56 12.21 -16.45 -31.14
CA TYR A 56 11.83 -15.17 -31.75
C TYR A 56 12.83 -14.08 -31.46
N GLY A 57 14.02 -14.42 -30.99
CA GLY A 57 15.05 -13.46 -30.72
C GLY A 57 15.10 -13.03 -29.27
N ALA A 58 14.18 -13.53 -28.44
CA ALA A 58 14.15 -13.13 -27.04
C ALA A 58 14.11 -11.62 -26.93
N THR A 59 13.27 -11.01 -27.77
CA THR A 59 13.11 -9.57 -27.67
C THR A 59 12.39 -9.21 -26.38
N THR A 60 12.56 -7.96 -25.98
CA THR A 60 12.05 -7.48 -24.71
C THR A 60 11.30 -6.20 -24.91
N HIS A 61 10.40 -5.92 -23.96
N HIS A 61 10.39 -5.94 -23.98
CA HIS A 61 9.53 -4.75 -23.94
CA HIS A 61 9.64 -4.69 -23.92
C HIS A 61 9.36 -4.33 -22.48
C HIS A 61 9.46 -4.31 -22.46
N TYR A 62 9.46 -3.01 -22.21
CA TYR A 62 9.48 -2.48 -20.84
C TYR A 62 8.42 -1.41 -20.63
N ALA A 63 7.99 -1.26 -19.37
CA ALA A 63 7.28 -0.06 -18.94
C ALA A 63 8.13 1.18 -19.15
N ALA A 64 7.46 2.30 -19.46
CA ALA A 64 8.19 3.53 -19.71
C ALA A 64 9.13 3.90 -18.56
N ALA A 65 8.74 3.59 -17.33
CA ALA A 65 9.48 4.02 -16.15
C ALA A 65 10.84 3.36 -16.02
N VAL A 66 11.09 2.24 -16.71
CA VAL A 66 12.36 1.53 -16.60
C VAL A 66 13.08 1.40 -17.93
N ARG A 67 12.51 1.93 -19.03
CA ARG A 67 13.17 1.90 -20.34
C ARG A 67 14.55 2.57 -20.29
N GLY A 68 15.58 1.90 -20.82
CA GLY A 68 16.92 2.46 -20.76
C GLY A 68 17.61 2.25 -19.45
N ARG A 69 16.97 1.58 -18.50
CA ARG A 69 17.56 1.32 -17.19
C ARG A 69 17.54 -0.15 -16.80
N PHE A 70 16.43 -0.85 -17.01
CA PHE A 70 16.33 -2.27 -16.69
C PHE A 70 16.49 -3.11 -17.95
N THR A 71 17.10 -4.28 -17.82
CA THR A 71 17.28 -5.23 -18.93
C THR A 71 16.88 -6.62 -18.50
N ILE A 72 16.00 -7.26 -19.27
CA ILE A 72 15.64 -8.64 -19.01
C ILE A 72 16.37 -9.53 -20.01
N SER A 73 16.86 -10.67 -19.54
CA SER A 73 17.50 -11.65 -20.43
C SER A 73 17.17 -13.04 -19.91
N ARG A 74 17.44 -14.05 -20.72
CA ARG A 74 17.09 -15.41 -20.33
C ARG A 74 18.21 -16.34 -20.73
N ASP A 75 18.32 -17.46 -20.03
CA ASP A 75 19.29 -18.48 -20.43
C ASP A 75 18.53 -19.80 -20.40
N ASP A 76 18.07 -20.23 -21.58
CA ASP A 76 17.17 -21.38 -21.66
C ASP A 76 17.84 -22.66 -21.20
N SER A 77 19.17 -22.76 -21.31
CA SER A 77 19.82 -23.98 -20.86
C SER A 77 19.81 -24.12 -19.34
N LYS A 78 19.77 -23.02 -18.59
CA LYS A 78 19.72 -23.12 -17.13
C LYS A 78 18.34 -22.83 -16.55
N SER A 79 17.34 -22.59 -17.40
CA SER A 79 15.98 -22.29 -16.96
C SER A 79 15.94 -21.07 -16.04
N ILE A 80 16.68 -20.03 -16.40
CA ILE A 80 16.75 -18.82 -15.58
C ILE A 80 16.38 -17.62 -16.43
N VAL A 81 15.56 -16.73 -15.87
CA VAL A 81 15.33 -15.42 -16.46
C VAL A 81 15.89 -14.38 -15.49
N TYR A 82 16.58 -13.37 -16.01
CA TYR A 82 17.24 -12.36 -15.20
C TYR A 82 16.59 -11.00 -15.36
N LEU A 83 16.47 -10.26 -14.26
CA LEU A 83 16.10 -8.85 -14.31
C LEU A 83 17.33 -8.07 -13.88
N GLN A 84 17.98 -7.41 -14.83
CA GLN A 84 19.14 -6.57 -14.53
C GLN A 84 18.68 -5.14 -14.32
N MET A 85 18.91 -4.59 -13.13
CA MET A 85 18.45 -3.23 -12.84
C MET A 85 19.67 -2.34 -12.72
N ASN A 86 19.76 -1.35 -13.60
CA ASN A 86 20.83 -0.39 -13.58
C ASN A 86 20.20 0.95 -13.21
N SER A 87 21.03 1.92 -12.81
CA SER A 87 20.57 3.30 -12.61
C SER A 87 19.41 3.39 -11.60
N LEU A 88 19.55 2.68 -10.49
CA LEU A 88 18.42 2.50 -9.59
C LEU A 88 18.01 3.81 -8.93
N LYS A 89 16.70 4.00 -8.78
CA LYS A 89 16.11 5.16 -8.14
C LYS A 89 15.34 4.71 -6.90
N THR A 90 15.14 5.63 -5.96
CA THR A 90 14.42 5.26 -4.74
C THR A 90 13.04 4.70 -5.06
N GLU A 91 12.38 5.21 -6.10
CA GLU A 91 11.03 4.75 -6.40
C GLU A 91 11.01 3.40 -7.09
N ASP A 92 12.18 2.79 -7.35
CA ASP A 92 12.22 1.39 -7.74
C ASP A 92 12.08 0.44 -6.56
N THR A 93 12.05 0.95 -5.32
CA THR A 93 11.84 0.11 -4.15
C THR A 93 10.52 -0.65 -4.27
N ALA A 94 10.58 -1.98 -4.19
CA ALA A 94 9.40 -2.81 -4.42
C ALA A 94 9.77 -4.26 -4.19
N VAL A 95 8.73 -5.09 -4.02
CA VAL A 95 8.82 -6.53 -4.23
C VAL A 95 8.73 -6.79 -5.73
N TYR A 96 9.68 -7.58 -6.25
CA TYR A 96 9.76 -7.91 -7.67
C TYR A 96 9.30 -9.35 -7.86
N PHE A 97 8.24 -9.55 -8.66
CA PHE A 97 7.70 -10.88 -8.94
C PHE A 97 8.12 -11.31 -10.33
N CYS A 98 8.67 -12.51 -10.44
N CYS A 98 8.71 -12.50 -10.47
CA CYS A 98 8.90 -13.19 -11.70
CA CYS A 98 8.87 -13.06 -11.79
C CYS A 98 7.63 -13.97 -12.06
C CYS A 98 7.67 -13.95 -12.09
N THR A 99 7.21 -13.91 -13.33
CA THR A 99 6.00 -14.60 -13.74
C THR A 99 6.18 -15.27 -15.09
N ARG A 100 5.38 -16.30 -15.32
CA ARG A 100 5.34 -17.02 -16.58
C ARG A 100 4.14 -16.54 -17.40
N VAL A 101 4.34 -16.29 -18.70
CA VAL A 101 3.25 -15.92 -19.60
C VAL A 101 2.61 -17.18 -20.16
N GLN A 102 1.28 -17.27 -20.07
CA GLN A 102 0.55 -18.46 -20.46
C GLN A 102 0.66 -18.72 -21.96
N LEU A 103 0.36 -19.96 -22.35
CA LEU A 103 0.29 -20.34 -23.76
C LEU A 103 -1.13 -20.54 -24.28
N ASP A 104 -2.16 -20.43 -23.43
CA ASP A 104 -3.52 -20.79 -23.83
C ASP A 104 -3.95 -20.04 -25.09
N TYR A 105 -4.54 -20.77 -26.03
CA TYR A 105 -4.93 -20.23 -27.33
C TYR A 105 -6.37 -19.72 -27.25
N GLY A 106 -6.58 -18.48 -27.68
CA GLY A 106 -7.90 -17.88 -27.75
C GLY A 106 -8.42 -17.93 -29.17
N PRO A 107 -9.31 -17.00 -29.54
CA PRO A 107 -9.93 -17.04 -30.90
C PRO A 107 -9.01 -16.45 -31.96
N GLY A 108 -8.06 -17.26 -32.44
CA GLY A 108 -7.13 -16.79 -33.45
C GLY A 108 -5.82 -16.22 -32.94
N TYR A 109 -5.57 -16.27 -31.63
CA TYR A 109 -4.31 -15.73 -31.10
C TYR A 109 -4.13 -16.26 -29.69
N GLN A 110 -2.88 -16.22 -29.21
CA GLN A 110 -2.61 -16.66 -27.85
C GLN A 110 -2.88 -15.54 -26.85
N TYR A 111 -3.49 -15.89 -25.72
CA TYR A 111 -3.56 -14.95 -24.61
C TYR A 111 -2.18 -14.78 -23.97
N TYR A 112 -2.08 -13.80 -23.04
CA TYR A 112 -0.79 -13.53 -22.38
C TYR A 112 -0.94 -13.34 -20.87
N GLY A 113 -1.95 -13.94 -20.27
CA GLY A 113 -2.06 -13.90 -18.82
C GLY A 113 -0.84 -14.49 -18.14
N MET A 114 -0.52 -13.96 -16.97
CA MET A 114 0.66 -14.40 -16.20
C MET A 114 0.18 -15.49 -15.28
N ASP A 115 0.40 -16.76 -15.66
CA ASP A 115 -0.31 -17.87 -15.02
C ASP A 115 0.48 -18.56 -13.92
N VAL A 116 1.75 -18.21 -13.72
CA VAL A 116 2.57 -18.70 -12.61
C VAL A 116 3.35 -17.52 -12.07
N TRP A 117 3.33 -17.33 -10.75
CA TRP A 117 4.01 -16.23 -10.07
C TRP A 117 5.01 -16.77 -9.04
N GLY A 118 6.19 -16.18 -9.02
CA GLY A 118 7.10 -16.46 -7.92
C GLY A 118 6.62 -15.79 -6.65
N GLN A 119 7.31 -16.09 -5.54
CA GLN A 119 6.94 -15.48 -4.27
C GLN A 119 7.36 -14.02 -4.19
N GLY A 120 8.27 -13.57 -5.04
CA GLY A 120 8.64 -12.17 -4.99
C GLY A 120 9.86 -11.95 -4.12
N THR A 121 10.67 -10.97 -4.50
CA THR A 121 11.85 -10.63 -3.69
C THR A 121 11.93 -9.12 -3.51
N THR A 122 12.30 -8.69 -2.30
CA THR A 122 12.34 -7.28 -1.94
C THR A 122 13.63 -6.62 -2.39
N VAL A 123 13.51 -5.50 -3.10
CA VAL A 123 14.63 -4.64 -3.47
C VAL A 123 14.35 -3.28 -2.83
N THR A 124 15.25 -2.82 -1.99
CA THR A 124 15.13 -1.53 -1.32
C THR A 124 16.23 -0.64 -1.87
N VAL A 125 15.85 0.47 -2.48
CA VAL A 125 16.81 1.44 -2.98
C VAL A 125 16.79 2.62 -2.04
N SER A 126 17.87 2.81 -1.29
CA SER A 126 17.86 3.80 -0.24
C SER A 126 19.28 4.03 0.25
N SER A 127 19.52 5.26 0.71
CA SER A 127 20.77 5.61 1.35
C SER A 127 20.67 5.55 2.86
N ALA A 128 19.58 5.03 3.39
CA ALA A 128 19.39 4.98 4.83
C ALA A 128 20.27 3.90 5.46
N SER A 129 20.66 4.12 6.71
CA SER A 129 21.33 3.10 7.51
C SER A 129 20.80 3.23 8.94
N THR A 130 21.20 2.29 9.78
CA THR A 130 20.68 2.22 11.14
C THR A 130 20.57 3.62 11.75
N LYS A 131 19.37 3.97 12.18
CA LYS A 131 19.13 5.28 12.78
C LYS A 131 18.00 5.19 13.79
N GLY A 132 18.25 5.64 15.02
CA GLY A 132 17.24 5.62 16.05
C GLY A 132 16.19 6.70 15.83
N PRO A 133 15.04 6.55 16.46
CA PRO A 133 13.93 7.47 16.22
C PRO A 133 13.99 8.72 17.08
N SER A 134 13.34 9.76 16.59
CA SER A 134 12.94 10.90 17.41
C SER A 134 11.49 10.72 17.80
N VAL A 135 11.19 10.92 19.09
CA VAL A 135 9.85 10.71 19.63
C VAL A 135 9.28 12.07 20.04
N PHE A 136 8.08 12.36 19.55
CA PHE A 136 7.39 13.60 19.83
C PHE A 136 6.01 13.32 20.41
N PRO A 137 5.54 14.14 21.36
CA PRO A 137 4.23 13.91 21.95
C PRO A 137 3.11 14.35 21.02
N LEU A 138 2.01 13.62 21.08
CA LEU A 138 0.76 14.04 20.47
C LEU A 138 -0.13 14.40 21.66
N ALA A 139 -0.04 15.67 22.08
CA ALA A 139 -0.64 16.09 23.34
C ALA A 139 -2.16 16.08 23.23
N PRO A 140 -2.85 15.63 24.27
CA PRO A 140 -4.32 15.73 24.27
C PRO A 140 -4.71 17.18 24.51
N SER A 141 -5.80 17.60 23.86
CA SER A 141 -6.31 18.96 23.98
C SER A 141 -7.82 18.91 23.75
N SER A 142 -8.46 20.09 23.77
CA SER A 142 -9.88 20.12 23.46
C SER A 142 -10.16 19.56 22.06
N LYS A 143 -9.18 19.65 21.16
CA LYS A 143 -9.38 19.22 19.74
C LYS A 143 -9.25 17.69 19.60
N SER A 144 -8.77 17.01 20.63
CA SER A 144 -8.66 15.56 20.61
C SER A 144 -9.57 14.92 21.66
N THR A 145 -10.46 15.70 22.26
CA THR A 145 -11.35 15.27 23.33
C THR A 145 -12.78 15.31 22.85
N SER A 146 -13.52 14.21 23.03
CA SER A 146 -14.89 14.11 22.56
C SER A 146 -15.71 13.33 23.58
N GLY A 147 -16.81 13.92 24.03
CA GLY A 147 -17.67 13.21 24.98
C GLY A 147 -16.98 12.75 26.24
N GLY A 148 -15.99 13.51 26.71
CA GLY A 148 -15.28 13.15 27.91
C GLY A 148 -14.19 12.11 27.74
N THR A 149 -13.87 11.72 26.52
CA THR A 149 -12.73 10.85 26.22
C THR A 149 -11.66 11.64 25.48
N ALA A 150 -10.43 11.55 25.94
CA ALA A 150 -9.33 12.25 25.29
C ALA A 150 -8.40 11.24 24.63
N ALA A 151 -7.98 11.55 23.41
CA ALA A 151 -6.94 10.79 22.74
C ALA A 151 -5.60 11.51 22.90
N LEU A 152 -4.54 10.74 23.13
CA LEU A 152 -3.19 11.27 23.16
C LEU A 152 -2.28 10.20 22.58
N GLY A 153 -1.07 10.58 22.20
CA GLY A 153 -0.21 9.59 21.61
C GLY A 153 1.21 10.06 21.49
N CYS A 154 2.00 9.29 20.74
N CYS A 154 2.00 9.33 20.72
CA CYS A 154 3.39 9.62 20.46
CA CYS A 154 3.38 9.74 20.47
C CYS A 154 3.66 9.42 18.97
C CYS A 154 3.79 9.37 19.06
N LEU A 155 4.46 10.31 18.40
CA LEU A 155 4.91 10.19 17.03
C LEU A 155 6.37 9.77 17.05
N VAL A 156 6.68 8.66 16.37
CA VAL A 156 8.00 8.06 16.38
C VAL A 156 8.54 8.24 14.97
N LYS A 157 9.46 9.19 14.85
CA LYS A 157 9.88 9.59 13.49
C LYS A 157 11.29 9.28 13.05
N ASP A 158 11.42 8.87 11.79
CA ASP A 158 12.70 8.79 11.08
C ASP A 158 13.67 7.81 11.74
N TYR A 159 13.29 6.54 11.70
CA TYR A 159 14.15 5.47 12.17
C TYR A 159 14.37 4.43 11.07
N PHE A 160 15.41 3.62 11.27
CA PHE A 160 15.75 2.56 10.32
C PHE A 160 16.60 1.52 11.01
N PRO A 161 16.36 0.22 10.79
CA PRO A 161 15.22 -0.28 10.00
C PRO A 161 14.03 -0.55 10.91
N GLU A 162 12.96 -1.14 10.36
CA GLU A 162 11.91 -1.67 11.22
C GLU A 162 12.48 -2.80 12.08
N PRO A 163 11.86 -3.07 13.25
CA PRO A 163 10.67 -2.41 13.78
C PRO A 163 10.92 -1.65 15.07
N VAL A 164 9.95 -0.84 15.50
CA VAL A 164 9.90 -0.33 16.86
C VAL A 164 8.65 -0.88 17.52
N THR A 165 8.72 -1.10 18.83
CA THR A 165 7.53 -1.40 19.61
C THR A 165 7.26 -0.23 20.54
N VAL A 166 5.99 -0.05 20.87
CA VAL A 166 5.55 1.00 21.78
C VAL A 166 4.70 0.36 22.86
N SER A 167 4.90 0.79 24.10
CA SER A 167 3.99 0.48 25.18
C SER A 167 3.67 1.78 25.90
N TRP A 168 2.76 1.72 26.86
CA TRP A 168 2.36 2.91 27.61
C TRP A 168 2.48 2.65 29.11
N ASN A 169 3.07 3.60 29.82
CA ASN A 169 3.30 3.48 31.26
C ASN A 169 3.92 2.13 31.61
N SER A 170 4.91 1.72 30.83
CA SER A 170 5.70 0.51 31.10
C SER A 170 4.86 -0.77 30.98
N GLY A 171 3.84 -0.76 30.13
CA GLY A 171 2.97 -1.91 30.00
C GLY A 171 1.76 -1.88 30.91
N ALA A 172 1.68 -0.93 31.83
CA ALA A 172 0.55 -0.88 32.76
C ALA A 172 -0.73 -0.36 32.11
N LEU A 173 -0.63 0.40 31.02
CA LEU A 173 -1.78 0.94 30.32
C LEU A 173 -1.89 0.23 28.97
N THR A 174 -2.91 -0.63 28.83
CA THR A 174 -3.17 -1.38 27.60
C THR A 174 -4.55 -1.13 27.02
N SER A 175 -5.54 -0.84 27.84
CA SER A 175 -6.88 -0.54 27.35
C SER A 175 -6.87 0.68 26.43
N GLY A 176 -7.39 0.50 25.21
CA GLY A 176 -7.54 1.59 24.26
C GLY A 176 -6.28 1.93 23.48
N VAL A 177 -5.20 1.21 23.69
CA VAL A 177 -3.94 1.49 23.00
C VAL A 177 -4.01 0.93 21.60
N HIS A 178 -3.55 1.71 20.63
CA HIS A 178 -3.30 1.16 19.31
C HIS A 178 -2.01 1.75 18.78
N THR A 179 -1.08 0.87 18.42
CA THR A 179 0.12 1.28 17.70
C THR A 179 -0.07 0.94 16.23
N PHE A 180 0.13 1.93 15.39
CA PHE A 180 -0.10 1.81 13.98
C PHE A 180 1.10 1.22 13.27
N PRO A 181 0.90 0.67 12.08
CA PRO A 181 2.05 0.29 11.24
C PRO A 181 2.82 1.51 10.79
N ALA A 182 4.03 1.28 10.34
CA ALA A 182 4.91 2.37 9.96
C ALA A 182 4.66 2.77 8.51
N VAL A 183 4.98 4.03 8.20
CA VAL A 183 5.04 4.50 6.82
C VAL A 183 6.50 4.66 6.44
N LEU A 184 6.80 4.35 5.19
CA LEU A 184 8.14 4.50 4.61
C LEU A 184 8.19 5.77 3.78
N GLN A 185 8.93 6.77 4.27
N GLN A 185 8.91 6.78 4.30
CA GLN A 185 9.14 8.00 3.53
CA GLN A 185 9.16 8.00 3.54
C GLN A 185 10.19 7.77 2.44
C GLN A 185 10.12 7.72 2.38
N SER A 186 10.18 8.67 1.44
CA SER A 186 11.07 8.51 0.29
C SER A 186 12.53 8.51 0.71
N SER A 187 12.87 9.22 1.79
CA SER A 187 14.22 9.20 2.36
C SER A 187 14.67 7.79 2.79
N GLY A 188 13.76 6.82 2.83
CA GLY A 188 14.09 5.47 3.26
C GLY A 188 13.89 5.22 4.74
N LEU A 189 13.53 6.25 5.51
CA LEU A 189 13.31 6.19 6.95
C LEU A 189 11.82 5.97 7.25
N TYR A 190 11.55 5.25 8.35
CA TYR A 190 10.20 4.93 8.80
C TYR A 190 9.71 5.89 9.88
N SER A 191 8.37 5.97 10.00
CA SER A 191 7.70 6.72 11.03
C SER A 191 6.44 5.96 11.44
N LEU A 192 6.07 6.03 12.72
CA LEU A 192 4.77 5.50 13.13
C LEU A 192 4.21 6.34 14.28
N SER A 193 2.96 6.05 14.65
CA SER A 193 2.34 6.66 15.82
C SER A 193 1.70 5.58 16.68
N SER A 194 1.54 5.91 17.96
CA SER A 194 0.80 5.10 18.91
C SER A 194 -0.17 6.02 19.63
N VAL A 195 -1.41 5.58 19.78
CA VAL A 195 -2.46 6.38 20.40
C VAL A 195 -3.10 5.59 21.52
N VAL A 196 -3.55 6.31 22.55
CA VAL A 196 -4.34 5.74 23.63
C VAL A 196 -5.47 6.73 23.93
N THR A 197 -6.62 6.20 24.32
CA THR A 197 -7.74 7.05 24.74
C THR A 197 -7.98 6.85 26.22
N VAL A 198 -8.11 7.95 26.94
CA VAL A 198 -8.24 7.96 28.39
C VAL A 198 -9.36 8.94 28.76
N PRO A 199 -9.87 8.83 29.99
CA PRO A 199 -10.88 9.81 30.45
C PRO A 199 -10.28 11.21 30.55
N SER A 200 -11.00 12.19 30.01
CA SER A 200 -10.45 13.55 29.99
C SER A 200 -10.27 14.09 31.40
N SER A 201 -11.05 13.60 32.36
CA SER A 201 -10.91 14.04 33.74
C SER A 201 -9.59 13.58 34.37
N SER A 202 -9.06 12.44 33.93
CA SER A 202 -7.80 11.93 34.45
C SER A 202 -6.59 12.78 34.05
N LEU A 203 -6.74 13.74 33.14
CA LEU A 203 -5.59 14.35 32.49
C LEU A 203 -4.73 15.16 33.46
N GLY A 204 -5.37 15.86 34.41
CA GLY A 204 -4.58 16.60 35.37
C GLY A 204 -3.97 15.74 36.46
N THR A 205 -4.44 14.50 36.60
CA THR A 205 -4.10 13.66 37.73
C THR A 205 -3.20 12.48 37.37
N GLN A 206 -3.32 11.95 36.14
CA GLN A 206 -2.56 10.80 35.69
C GLN A 206 -1.40 11.21 34.79
N THR A 207 -0.28 10.52 34.94
CA THR A 207 0.87 10.69 34.06
C THR A 207 0.81 9.66 32.94
N TYR A 208 1.10 10.09 31.71
CA TYR A 208 1.11 9.19 30.56
C TYR A 208 2.47 9.25 29.87
N ILE A 209 3.13 8.10 29.78
CA ILE A 209 4.47 7.98 29.21
C ILE A 209 4.45 6.87 28.18
N CYS A 210 4.87 7.17 26.96
N CYS A 210 4.84 7.21 26.96
CA CYS A 210 4.99 6.14 25.94
CA CYS A 210 5.07 6.20 25.93
C CYS A 210 6.43 5.64 25.90
C CYS A 210 6.47 5.63 26.07
N ASN A 211 6.59 4.32 25.90
CA ASN A 211 7.89 3.66 25.94
C ASN A 211 8.19 3.11 24.55
N VAL A 212 9.16 3.72 23.89
CA VAL A 212 9.55 3.36 22.53
C VAL A 212 10.84 2.56 22.58
N ASN A 213 10.85 1.40 21.93
CA ASN A 213 12.04 0.57 21.83
C ASN A 213 12.40 0.36 20.36
N HIS A 214 13.63 0.68 19.99
CA HIS A 214 14.16 0.41 18.65
C HIS A 214 15.43 -0.43 18.83
N LYS A 215 15.26 -1.74 18.88
CA LYS A 215 16.40 -2.60 19.17
C LYS A 215 17.53 -2.46 18.15
N PRO A 216 17.26 -2.29 16.84
CA PRO A 216 18.38 -2.14 15.89
C PRO A 216 19.38 -1.05 16.24
N SER A 217 18.94 0.04 16.88
CA SER A 217 19.87 1.09 17.29
C SER A 217 20.14 1.07 18.79
N ASN A 218 19.71 0.01 19.49
CA ASN A 218 19.88 -0.07 20.94
C ASN A 218 19.36 1.18 21.64
N THR A 219 18.23 1.69 21.15
CA THR A 219 17.64 2.91 21.71
C THR A 219 16.31 2.58 22.37
N LYS A 220 16.12 3.10 23.58
CA LYS A 220 14.80 3.18 24.20
C LYS A 220 14.53 4.65 24.48
N VAL A 221 13.27 5.07 24.33
CA VAL A 221 12.89 6.45 24.63
C VAL A 221 11.58 6.38 25.43
N ASP A 222 11.55 7.08 26.56
CA ASP A 222 10.36 7.22 27.40
C ASP A 222 9.96 8.68 27.30
N LYS A 223 8.88 8.95 26.57
CA LYS A 223 8.40 10.32 26.37
C LYS A 223 7.16 10.62 27.21
N LYS A 224 7.28 11.58 28.10
CA LYS A 224 6.12 12.06 28.84
C LYS A 224 5.22 12.86 27.92
N VAL A 225 3.91 12.57 27.94
CA VAL A 225 2.93 13.25 27.09
C VAL A 225 2.09 14.13 28.03
N GLU A 226 2.37 15.43 28.03
CA GLU A 226 1.71 16.38 28.92
C GLU A 226 0.49 16.99 28.22
N PRO A 227 -0.62 17.21 28.94
CA PRO A 227 -1.83 17.76 28.31
C PRO A 227 -1.67 19.24 28.01
N LYS A 228 -2.38 19.70 26.98
CA LYS A 228 -2.39 21.11 26.62
C LYS A 228 -3.70 21.74 27.08
N SER A 229 -3.62 22.84 27.82
CA SER A 229 -4.84 23.51 28.36
C SER A 229 -5.40 24.43 27.28
N CYS A 230 -5.82 23.82 26.18
N CYS A 230 -5.79 23.88 26.09
CA CYS A 230 -6.40 24.56 25.05
CA CYS A 230 -6.43 24.66 24.99
C CYS A 230 -7.20 23.56 24.21
C CYS A 230 -7.29 23.71 24.15
N GLU B 1 -5.60 2.91 -11.32
CA GLU B 1 -4.49 3.52 -12.04
C GLU B 1 -4.97 4.67 -12.94
N SER B 2 -4.06 5.22 -13.72
CA SER B 2 -4.45 6.25 -14.67
C SER B 2 -5.44 5.67 -15.67
N VAL B 3 -4.98 4.74 -16.51
CA VAL B 3 -5.79 4.32 -17.66
C VAL B 3 -6.82 3.26 -17.32
N LEU B 4 -6.73 2.63 -16.15
CA LEU B 4 -7.70 1.62 -15.70
C LEU B 4 -8.16 2.00 -14.31
N THR B 5 -9.47 2.15 -14.11
CA THR B 5 -9.98 2.65 -12.83
C THR B 5 -10.81 1.60 -12.13
N GLN B 6 -10.42 1.26 -10.89
CA GLN B 6 -11.21 0.35 -10.07
C GLN B 6 -11.68 1.06 -8.81
N PRO B 7 -12.81 0.65 -8.24
CA PRO B 7 -13.17 1.16 -6.90
C PRO B 7 -12.19 0.63 -5.86
N PRO B 8 -11.82 1.44 -4.87
CA PRO B 8 -10.85 0.95 -3.89
C PRO B 8 -11.37 -0.19 -3.03
N SER B 9 -12.67 -0.28 -2.80
CA SER B 9 -13.15 -1.37 -1.96
C SER B 9 -14.58 -1.75 -2.31
N VAL B 10 -14.89 -3.04 -2.11
N VAL B 10 -14.89 -3.03 -2.06
CA VAL B 10 -16.24 -3.56 -2.22
CA VAL B 10 -16.21 -3.62 -2.26
C VAL B 10 -16.43 -4.55 -1.09
C VAL B 10 -16.44 -4.60 -1.12
N SER B 11 -17.69 -4.79 -0.73
CA SER B 11 -17.97 -5.69 0.37
C SER B 11 -19.32 -6.37 0.16
N GLY B 12 -19.48 -7.51 0.82
CA GLY B 12 -20.75 -8.21 0.86
C GLY B 12 -20.70 -9.30 1.90
N ALA B 13 -21.87 -9.81 2.24
CA ALA B 13 -21.94 -10.90 3.22
C ALA B 13 -21.73 -12.24 2.53
N PRO B 14 -21.39 -13.28 3.29
CA PRO B 14 -21.27 -14.62 2.70
C PRO B 14 -22.54 -14.98 1.92
N GLY B 15 -22.35 -15.53 0.72
CA GLY B 15 -23.43 -15.95 -0.13
C GLY B 15 -23.94 -14.90 -1.09
N GLN B 16 -23.59 -13.64 -0.89
CA GLN B 16 -24.07 -12.60 -1.79
C GLN B 16 -23.27 -12.56 -3.08
N ARG B 17 -23.75 -11.76 -4.00
CA ARG B 17 -23.09 -11.49 -5.28
C ARG B 17 -22.57 -10.07 -5.26
N VAL B 18 -21.29 -9.91 -5.56
CA VAL B 18 -20.71 -8.58 -5.67
C VAL B 18 -20.05 -8.48 -7.03
N THR B 19 -19.91 -7.26 -7.51
CA THR B 19 -19.23 -6.99 -8.77
C THR B 19 -18.13 -5.96 -8.54
N ILE B 20 -17.04 -6.12 -9.28
CA ILE B 20 -15.92 -5.20 -9.25
C ILE B 20 -15.76 -4.68 -10.66
N SER B 21 -15.92 -3.37 -10.83
CA SER B 21 -15.80 -2.77 -12.14
C SER B 21 -14.35 -2.39 -12.45
N CYS B 22 -13.99 -2.50 -13.71
N CYS B 22 -14.02 -2.42 -13.73
CA CYS B 22 -12.74 -1.97 -14.26
CA CYS B 22 -12.73 -1.98 -14.24
C CYS B 22 -13.14 -1.04 -15.38
C CYS B 22 -13.04 -1.04 -15.41
N THR B 23 -13.00 0.26 -15.17
CA THR B 23 -13.38 1.25 -16.15
C THR B 23 -12.17 1.66 -16.96
N GLY B 24 -12.19 1.34 -18.25
CA GLY B 24 -11.07 1.56 -19.13
C GLY B 24 -11.25 2.76 -20.03
N MET B 25 -10.53 2.73 -21.14
CA MET B 25 -10.39 3.87 -22.03
C MET B 25 -10.33 3.34 -23.45
N ASN B 26 -10.44 4.24 -24.42
CA ASN B 26 -10.32 3.78 -25.79
C ASN B 26 -8.88 3.47 -26.21
N SER B 27 -7.88 3.75 -25.35
CA SER B 27 -6.51 3.27 -25.56
C SER B 27 -6.27 1.88 -25.00
N ASN B 28 -7.24 1.26 -24.33
CA ASN B 28 -7.05 -0.11 -23.84
C ASN B 28 -8.31 -0.96 -24.07
N ILE B 29 -9.17 -1.12 -23.06
CA ILE B 29 -10.28 -2.06 -23.21
C ILE B 29 -11.15 -1.67 -24.41
N GLY B 30 -11.38 -0.37 -24.59
CA GLY B 30 -12.25 0.08 -25.67
C GLY B 30 -11.70 -0.23 -27.06
N ALA B 31 -10.36 -0.26 -27.19
CA ALA B 31 -9.70 -0.61 -28.45
C ALA B 31 -9.73 -2.10 -28.76
N GLY B 32 -10.22 -2.93 -27.84
CA GLY B 32 -10.32 -4.35 -28.06
C GLY B 32 -9.33 -5.18 -27.28
N TYR B 33 -8.44 -4.57 -26.50
CA TYR B 33 -7.47 -5.37 -25.77
C TYR B 33 -8.18 -6.14 -24.65
N ASP B 34 -7.79 -7.40 -24.52
CA ASP B 34 -8.42 -8.28 -23.56
C ASP B 34 -8.10 -7.86 -22.13
N VAL B 35 -8.98 -8.29 -21.22
CA VAL B 35 -8.88 -7.99 -19.80
C VAL B 35 -8.48 -9.26 -19.05
N TYR B 36 -7.57 -9.09 -18.10
CA TYR B 36 -7.13 -10.13 -17.20
C TYR B 36 -7.39 -9.69 -15.76
N TRP B 37 -7.64 -10.66 -14.90
CA TRP B 37 -7.88 -10.38 -13.49
C TRP B 37 -6.93 -11.21 -12.63
N TYR B 38 -6.41 -10.56 -11.60
CA TYR B 38 -5.45 -11.18 -10.70
C TYR B 38 -5.97 -11.03 -9.28
N GLN B 39 -5.83 -12.09 -8.50
CA GLN B 39 -6.27 -12.10 -7.11
C GLN B 39 -5.04 -12.16 -6.21
N GLN B 40 -4.94 -11.25 -5.26
CA GLN B 40 -3.82 -11.28 -4.31
C GLN B 40 -4.37 -11.46 -2.90
N LEU B 41 -4.28 -12.69 -2.38
CA LEU B 41 -4.67 -12.95 -1.01
C LEU B 41 -3.72 -12.25 -0.06
N PRO B 42 -4.18 -11.90 1.13
CA PRO B 42 -3.34 -11.13 2.05
C PRO B 42 -2.07 -11.89 2.39
N GLY B 43 -0.93 -11.23 2.19
CA GLY B 43 0.36 -11.84 2.44
C GLY B 43 0.84 -12.83 1.42
N ARG B 44 0.21 -12.91 0.25
CA ARG B 44 0.61 -13.85 -0.80
C ARG B 44 0.96 -13.11 -2.10
N ALA B 45 1.60 -13.84 -3.01
CA ALA B 45 1.79 -13.34 -4.35
C ALA B 45 0.47 -13.39 -5.11
N PRO B 46 0.29 -12.52 -6.11
CA PRO B 46 -0.91 -12.60 -6.95
C PRO B 46 -1.03 -13.95 -7.65
N LYS B 47 -2.25 -14.31 -8.04
CA LYS B 47 -2.48 -15.44 -8.93
C LYS B 47 -3.43 -15.01 -10.04
N LEU B 48 -3.29 -15.63 -11.21
CA LEU B 48 -4.22 -15.38 -12.31
C LEU B 48 -5.61 -15.90 -11.96
N LEU B 49 -6.62 -15.03 -12.08
CA LEU B 49 -8.00 -15.36 -11.75
C LEU B 49 -8.86 -15.55 -13.00
N ILE B 50 -8.79 -14.61 -13.92
CA ILE B 50 -9.51 -14.63 -15.20
C ILE B 50 -8.54 -14.23 -16.29
N TYR B 51 -8.54 -14.97 -17.39
CA TYR B 51 -7.75 -14.55 -18.54
C TYR B 51 -8.64 -14.43 -19.78
N GLY B 52 -8.22 -13.59 -20.72
CA GLY B 52 -8.99 -13.37 -21.93
C GLY B 52 -10.45 -13.06 -21.64
N ASN B 53 -10.68 -12.09 -20.74
CA ASN B 53 -11.99 -11.53 -20.42
C ASN B 53 -12.87 -12.41 -19.53
N SER B 54 -12.90 -13.71 -19.78
CA SER B 54 -13.86 -14.55 -19.07
C SER B 54 -13.40 -15.98 -18.77
N ASN B 55 -12.18 -16.37 -19.11
CA ASN B 55 -11.74 -17.74 -18.92
C ASN B 55 -11.13 -17.92 -17.53
N ARG B 56 -11.47 -19.04 -16.90
CA ARG B 56 -10.95 -19.38 -15.56
C ARG B 56 -9.84 -20.41 -15.68
N PRO B 57 -8.68 -20.19 -15.04
CA PRO B 57 -7.70 -21.24 -14.97
C PRO B 57 -8.25 -22.42 -14.14
N SER B 58 -7.70 -23.60 -14.38
CA SER B 58 -8.07 -24.75 -13.52
C SER B 58 -7.71 -24.37 -12.08
N GLY B 59 -8.62 -24.62 -11.15
CA GLY B 59 -8.36 -24.21 -9.76
C GLY B 59 -9.04 -22.92 -9.39
N VAL B 60 -9.71 -22.28 -10.34
CA VAL B 60 -10.49 -21.09 -9.99
C VAL B 60 -11.96 -21.48 -10.09
N PRO B 61 -12.71 -21.45 -8.99
CA PRO B 61 -14.10 -21.94 -9.01
C PRO B 61 -15.02 -21.03 -9.81
N ASP B 62 -16.17 -21.60 -10.21
CA ASP B 62 -17.00 -20.87 -11.15
C ASP B 62 -17.81 -19.76 -10.50
N ARG B 63 -17.67 -19.51 -9.20
CA ARG B 63 -18.31 -18.30 -8.68
C ARG B 63 -17.63 -17.04 -9.20
N PHE B 64 -16.40 -17.17 -9.72
CA PHE B 64 -15.74 -16.07 -10.39
C PHE B 64 -16.11 -16.06 -11.86
N SER B 65 -16.61 -14.92 -12.32
CA SER B 65 -16.89 -14.77 -13.74
C SER B 65 -16.49 -13.36 -14.15
N GLY B 66 -16.01 -13.25 -15.39
CA GLY B 66 -15.57 -11.99 -15.93
C GLY B 66 -16.33 -11.67 -17.19
N SER B 67 -16.58 -10.39 -17.41
CA SER B 67 -17.31 -9.93 -18.56
C SER B 67 -16.65 -8.66 -19.05
N ARG B 68 -16.96 -8.31 -20.30
CA ARG B 68 -16.43 -7.09 -20.87
C ARG B 68 -17.49 -6.52 -21.79
N SER B 69 -17.61 -5.20 -21.80
CA SER B 69 -18.51 -4.53 -22.73
C SER B 69 -18.00 -3.11 -22.94
N GLY B 70 -17.49 -2.84 -24.15
CA GLY B 70 -17.07 -1.49 -24.49
C GLY B 70 -15.74 -1.16 -23.85
N THR B 71 -15.69 -0.02 -23.16
CA THR B 71 -14.53 0.39 -22.38
C THR B 71 -14.57 -0.08 -20.94
N SER B 72 -15.48 -0.99 -20.60
CA SER B 72 -15.69 -1.46 -19.25
C SER B 72 -15.46 -2.97 -19.18
N ALA B 73 -14.96 -3.41 -18.04
CA ALA B 73 -14.91 -4.83 -17.72
C ALA B 73 -15.44 -5.01 -16.31
N SER B 74 -15.77 -6.25 -15.97
CA SER B 74 -16.32 -6.46 -14.65
C SER B 74 -15.98 -7.86 -14.17
N LEU B 75 -15.74 -7.99 -12.87
CA LEU B 75 -15.54 -9.28 -12.25
C LEU B 75 -16.68 -9.49 -11.26
N ALA B 76 -17.44 -10.56 -11.45
CA ALA B 76 -18.52 -10.93 -10.55
C ALA B 76 -18.08 -12.08 -9.66
N ILE B 77 -18.46 -12.02 -8.39
CA ILE B 77 -18.29 -13.13 -7.48
C ILE B 77 -19.67 -13.52 -6.97
N THR B 78 -20.18 -14.64 -7.47
CA THR B 78 -21.56 -15.08 -7.20
C THR B 78 -21.49 -16.11 -6.09
N GLY B 79 -21.83 -15.69 -4.87
CA GLY B 79 -21.75 -16.58 -3.74
C GLY B 79 -20.44 -16.36 -3.01
N LEU B 80 -20.26 -15.13 -2.54
CA LEU B 80 -19.09 -14.74 -1.76
C LEU B 80 -18.78 -15.75 -0.66
N GLN B 81 -17.51 -16.18 -0.60
CA GLN B 81 -17.04 -17.05 0.46
C GLN B 81 -15.93 -16.35 1.25
N ALA B 82 -15.72 -16.79 2.48
CA ALA B 82 -14.76 -16.11 3.35
C ALA B 82 -13.37 -16.06 2.74
N GLU B 83 -12.96 -17.13 2.05
CA GLU B 83 -11.60 -17.21 1.52
C GLU B 83 -11.38 -16.24 0.37
N ASP B 84 -12.44 -15.59 -0.13
CA ASP B 84 -12.35 -14.65 -1.23
C ASP B 84 -11.91 -13.25 -0.81
N GLU B 85 -11.79 -12.98 0.50
CA GLU B 85 -11.23 -11.70 0.95
C GLU B 85 -9.81 -11.52 0.43
N ALA B 86 -9.62 -10.51 -0.43
CA ALA B 86 -8.39 -10.39 -1.20
C ALA B 86 -8.42 -9.03 -1.91
N ASP B 87 -7.26 -8.63 -2.44
CA ASP B 87 -7.21 -7.58 -3.43
C ASP B 87 -7.36 -8.14 -4.83
N TYR B 88 -8.18 -7.47 -5.65
CA TYR B 88 -8.39 -7.86 -7.04
C TYR B 88 -7.89 -6.75 -7.94
N TYR B 89 -7.13 -7.13 -8.96
CA TYR B 89 -6.56 -6.22 -9.94
C TYR B 89 -6.98 -6.61 -11.35
N CYS B 90 -7.43 -5.64 -12.12
N CYS B 90 -7.44 -5.66 -12.13
CA CYS B 90 -7.65 -5.78 -13.55
CA CYS B 90 -7.62 -5.91 -13.55
C CYS B 90 -6.36 -5.44 -14.28
C CYS B 90 -6.41 -5.41 -14.31
N GLN B 91 -6.26 -5.93 -15.51
CA GLN B 91 -5.06 -5.69 -16.30
C GLN B 91 -5.42 -5.75 -17.77
N SER B 92 -4.87 -4.83 -18.55
CA SER B 92 -5.09 -4.80 -19.99
C SER B 92 -3.91 -4.09 -20.62
N TYR B 93 -3.80 -4.19 -21.93
CA TYR B 93 -2.76 -3.48 -22.67
C TYR B 93 -3.26 -2.07 -23.03
N ASP B 94 -2.37 -1.09 -22.93
CA ASP B 94 -2.70 0.29 -23.26
C ASP B 94 -1.71 0.87 -24.27
N THR B 95 -2.25 1.45 -25.35
CA THR B 95 -1.40 1.96 -26.42
C THR B 95 -0.88 3.37 -26.15
N SER B 96 -1.51 4.13 -25.24
CA SER B 96 -0.94 5.43 -24.88
C SER B 96 0.27 5.27 -23.96
N LEU B 97 0.31 4.21 -23.18
CA LEU B 97 1.42 3.87 -22.32
C LEU B 97 2.40 2.93 -23.01
N ASN B 98 1.93 2.26 -24.06
CA ASN B 98 2.66 1.20 -24.75
C ASN B 98 3.21 0.20 -23.73
N GLY B 99 2.30 -0.32 -22.91
CA GLY B 99 2.68 -1.28 -21.90
C GLY B 99 1.45 -1.91 -21.28
N TRP B 100 1.71 -2.90 -20.42
CA TRP B 100 0.64 -3.63 -19.75
C TRP B 100 0.19 -2.83 -18.53
N ALA B 101 -1.07 -2.40 -18.51
CA ALA B 101 -1.54 -1.53 -17.44
C ALA B 101 -2.35 -2.35 -16.43
N PHE B 102 -2.24 -1.97 -15.16
CA PHE B 102 -3.04 -2.54 -14.09
C PHE B 102 -4.01 -1.49 -13.57
N GLY B 103 -5.20 -1.91 -13.20
CA GLY B 103 -6.03 -1.08 -12.36
C GLY B 103 -5.38 -0.86 -11.02
N GLY B 104 -5.95 0.09 -10.26
CA GLY B 104 -5.40 0.40 -8.95
C GLY B 104 -5.64 -0.64 -7.89
N GLY B 105 -6.54 -1.60 -8.14
CA GLY B 105 -6.81 -2.61 -7.14
C GLY B 105 -8.03 -2.35 -6.29
N THR B 106 -8.79 -3.42 -6.03
CA THR B 106 -9.99 -3.35 -5.21
C THR B 106 -9.85 -4.34 -4.06
N LYS B 107 -10.04 -3.87 -2.83
CA LYS B 107 -10.07 -4.76 -1.66
C LYS B 107 -11.50 -5.26 -1.46
N LEU B 108 -11.68 -6.58 -1.51
CA LEU B 108 -12.98 -7.19 -1.27
C LEU B 108 -13.01 -7.62 0.18
N THR B 109 -13.99 -7.12 0.94
CA THR B 109 -14.23 -7.55 2.30
C THR B 109 -15.46 -8.46 2.31
N VAL B 110 -15.34 -9.61 2.95
CA VAL B 110 -16.48 -10.49 3.21
C VAL B 110 -16.95 -10.20 4.63
N LEU B 111 -18.14 -9.60 4.74
CA LEU B 111 -18.56 -8.97 5.99
C LEU B 111 -18.80 -10.02 7.07
N THR B 112 -18.13 -9.84 8.22
CA THR B 112 -18.26 -10.75 9.35
C THR B 112 -18.67 -10.04 10.63
N GLN B 113 -18.95 -8.75 10.55
CA GLN B 113 -19.28 -7.94 11.70
C GLN B 113 -20.01 -6.69 11.21
N PRO B 114 -20.75 -6.01 12.07
CA PRO B 114 -21.56 -4.89 11.60
C PRO B 114 -20.66 -3.77 11.10
N LYS B 115 -21.13 -3.09 10.05
CA LYS B 115 -20.39 -1.93 9.57
C LYS B 115 -20.34 -0.86 10.65
N ALA B 116 -19.28 -0.07 10.62
CA ALA B 116 -19.02 0.90 11.68
C ALA B 116 -18.31 2.10 11.07
N ALA B 117 -18.87 3.29 11.30
CA ALA B 117 -18.27 4.50 10.77
C ALA B 117 -17.01 4.87 11.57
N PRO B 118 -16.05 5.53 10.92
CA PRO B 118 -14.79 5.85 11.61
C PRO B 118 -14.87 7.07 12.52
N SER B 119 -14.01 7.05 13.53
CA SER B 119 -13.71 8.23 14.34
C SER B 119 -12.39 8.80 13.86
N VAL B 120 -12.25 10.12 13.93
CA VAL B 120 -11.07 10.79 13.39
C VAL B 120 -10.55 11.80 14.39
N THR B 121 -9.25 11.71 14.68
CA THR B 121 -8.53 12.70 15.48
C THR B 121 -7.35 13.23 14.66
N LEU B 122 -7.20 14.55 14.63
CA LEU B 122 -6.17 15.23 13.86
C LEU B 122 -5.27 16.01 14.81
N PHE B 123 -3.96 15.68 14.80
CA PHE B 123 -2.96 16.28 15.70
C PHE B 123 -2.10 17.26 14.93
N PRO B 124 -1.93 18.49 15.41
CA PRO B 124 -0.98 19.43 14.81
C PRO B 124 0.46 19.05 15.12
N PRO B 125 1.43 19.67 14.46
CA PRO B 125 2.82 19.50 14.87
C PRO B 125 2.98 19.88 16.34
N SER B 126 3.71 19.05 17.09
CA SER B 126 4.02 19.40 18.46
C SER B 126 5.03 20.55 18.50
N SER B 127 5.03 21.32 19.61
CA SER B 127 6.00 22.40 19.69
C SER B 127 7.42 21.85 19.65
N GLU B 128 7.63 20.67 20.24
CA GLU B 128 8.94 20.02 20.23
C GLU B 128 9.42 19.74 18.81
N GLU B 129 8.53 19.21 17.95
CA GLU B 129 8.92 18.98 16.56
C GLU B 129 9.15 20.30 15.83
N LEU B 130 8.30 21.29 16.07
CA LEU B 130 8.51 22.61 15.48
C LEU B 130 9.85 23.20 15.92
N GLN B 131 10.18 23.08 17.22
CA GLN B 131 11.48 23.57 17.70
C GLN B 131 12.65 22.80 17.11
N ALA B 132 12.40 21.63 16.53
CA ALA B 132 13.41 20.89 15.81
C ALA B 132 13.34 21.16 14.30
N ASN B 133 12.63 22.22 13.89
CA ASN B 133 12.53 22.60 12.46
C ASN B 133 11.89 21.52 11.60
N LYS B 134 10.90 20.82 12.14
CA LYS B 134 10.10 19.90 11.34
C LYS B 134 8.65 20.09 11.75
N ALA B 135 7.75 19.54 10.92
CA ALA B 135 6.32 19.67 11.15
C ALA B 135 5.61 18.49 10.51
N THR B 136 4.85 17.74 11.29
CA THR B 136 4.05 16.63 10.79
C THR B 136 2.65 16.75 11.37
N LEU B 137 1.64 16.78 10.50
CA LEU B 137 0.25 16.61 10.92
C LEU B 137 -0.10 15.12 10.93
N VAL B 138 -0.79 14.69 11.98
CA VAL B 138 -1.07 13.27 12.19
C VAL B 138 -2.59 13.09 12.30
N CYS B 139 -3.16 12.34 11.35
N CYS B 139 -3.17 12.45 11.28
CA CYS B 139 -4.60 12.08 11.27
CA CYS B 139 -4.56 12.03 11.28
C CYS B 139 -4.84 10.61 11.58
C CYS B 139 -4.65 10.58 11.71
N LEU B 140 -5.45 10.32 12.73
CA LEU B 140 -5.71 8.95 13.16
C LEU B 140 -7.18 8.61 13.05
N VAL B 141 -7.45 7.45 12.44
CA VAL B 141 -8.78 6.95 12.11
C VAL B 141 -9.00 5.65 12.86
N SER B 142 -10.13 5.52 13.55
CA SER B 142 -10.29 4.34 14.39
C SER B 142 -11.73 3.85 14.38
N ASP B 143 -11.90 2.58 14.80
CA ASP B 143 -13.21 1.96 15.04
C ASP B 143 -14.09 1.91 13.79
N PHE B 144 -13.52 1.50 12.66
CA PHE B 144 -14.34 1.42 11.47
C PHE B 144 -14.32 0.01 10.88
N TYR B 145 -15.38 -0.31 10.14
CA TYR B 145 -15.48 -1.57 9.42
C TYR B 145 -16.44 -1.39 8.26
N PRO B 146 -16.11 -1.88 7.06
CA PRO B 146 -14.90 -2.64 6.69
C PRO B 146 -13.61 -1.84 6.69
N GLY B 147 -12.49 -2.56 6.56
CA GLY B 147 -11.18 -1.95 6.67
C GLY B 147 -10.69 -1.33 5.37
N ALA B 148 -11.35 -0.26 4.95
CA ALA B 148 -10.93 0.51 3.78
C ALA B 148 -11.39 1.95 3.95
N VAL B 149 -10.44 2.89 3.87
CA VAL B 149 -10.74 4.31 3.85
C VAL B 149 -9.89 4.97 2.78
N THR B 150 -10.31 6.15 2.36
CA THR B 150 -9.47 7.06 1.60
C THR B 150 -9.30 8.34 2.41
N VAL B 151 -8.09 8.89 2.39
CA VAL B 151 -7.78 10.10 3.16
C VAL B 151 -7.31 11.19 2.20
N ALA B 152 -7.92 12.36 2.30
CA ALA B 152 -7.54 13.53 1.53
C ALA B 152 -7.20 14.66 2.49
N TRP B 153 -6.24 15.50 2.09
CA TRP B 153 -5.83 16.63 2.92
C TRP B 153 -6.13 17.96 2.24
N LYS B 154 -6.37 18.97 3.07
CA LYS B 154 -6.62 20.32 2.57
C LYS B 154 -5.83 21.33 3.37
N ALA B 155 -5.37 22.37 2.67
CA ALA B 155 -4.79 23.56 3.28
C ALA B 155 -5.63 24.75 2.83
N ASP B 156 -6.18 25.47 3.80
CA ASP B 156 -7.05 26.61 3.53
C ASP B 156 -8.12 26.25 2.52
N GLY B 157 -8.79 25.13 2.77
CA GLY B 157 -9.87 24.68 1.90
C GLY B 157 -9.44 24.14 0.57
N SER B 158 -8.14 24.15 0.23
CA SER B 158 -7.71 23.67 -1.06
C SER B 158 -6.96 22.34 -0.94
N PRO B 159 -7.11 21.45 -1.92
CA PRO B 159 -6.42 20.15 -1.84
C PRO B 159 -4.91 20.30 -1.78
N VAL B 160 -4.28 19.37 -1.07
CA VAL B 160 -2.83 19.24 -1.05
C VAL B 160 -2.48 17.76 -1.15
N LYS B 161 -1.70 17.39 -2.16
CA LYS B 161 -1.32 16.01 -2.39
C LYS B 161 0.14 15.70 -2.10
N VAL B 162 1.01 16.71 -2.15
CA VAL B 162 2.43 16.52 -1.89
C VAL B 162 2.66 16.37 -0.39
N GLY B 163 3.48 15.39 -0.01
CA GLY B 163 3.86 15.20 1.38
C GLY B 163 2.94 14.32 2.20
N VAL B 164 2.12 13.50 1.55
CA VAL B 164 1.14 12.67 2.24
C VAL B 164 1.63 11.23 2.29
N GLU B 165 1.45 10.59 3.45
CA GLU B 165 1.75 9.18 3.63
C GLU B 165 0.62 8.55 4.44
N THR B 166 0.05 7.45 3.95
CA THR B 166 -1.08 6.79 4.61
C THR B 166 -0.82 5.30 4.79
N THR B 167 -1.21 4.76 5.94
CA THR B 167 -1.07 3.33 6.18
C THR B 167 -2.33 2.56 5.78
N LYS B 168 -2.14 1.30 5.37
CA LYS B 168 -3.30 0.45 5.14
C LYS B 168 -3.95 0.07 6.47
N PRO B 169 -5.27 -0.04 6.52
CA PRO B 169 -5.96 -0.29 7.79
C PRO B 169 -5.54 -1.63 8.38
N SER B 170 -5.51 -1.68 9.71
CA SER B 170 -5.16 -2.91 10.43
C SER B 170 -6.02 -3.04 11.68
N LYS B 171 -6.15 -4.26 12.19
CA LYS B 171 -7.10 -4.51 13.26
C LYS B 171 -6.66 -3.91 14.57
N GLN B 172 -7.62 -3.33 15.28
CA GLN B 172 -7.45 -2.92 16.66
C GLN B 172 -7.74 -4.11 17.57
N SER B 173 -7.66 -3.89 18.89
CA SER B 173 -7.96 -4.95 19.85
C SER B 173 -9.42 -5.37 19.80
N ASN B 174 -10.33 -4.46 19.49
CA ASN B 174 -11.75 -4.79 19.45
C ASN B 174 -12.19 -5.32 18.09
N ASN B 175 -11.26 -5.66 17.21
CA ASN B 175 -11.53 -6.24 15.89
C ASN B 175 -12.06 -5.25 14.86
N LYS B 176 -12.30 -4.00 15.21
CA LYS B 176 -12.48 -3.01 14.14
C LYS B 176 -11.11 -2.58 13.61
N TYR B 177 -11.11 -1.68 12.63
CA TYR B 177 -9.89 -1.24 11.99
C TYR B 177 -9.53 0.18 12.39
N ALA B 178 -8.25 0.50 12.19
CA ALA B 178 -7.67 1.81 12.36
C ALA B 178 -6.74 2.08 11.18
N ALA B 179 -6.51 3.36 10.90
CA ALA B 179 -5.58 3.76 9.87
C ALA B 179 -5.01 5.11 10.27
N SER B 180 -3.86 5.46 9.69
CA SER B 180 -3.24 6.74 9.98
C SER B 180 -2.76 7.38 8.69
N SER B 181 -2.72 8.72 8.67
CA SER B 181 -2.19 9.47 7.55
C SER B 181 -1.38 10.64 8.07
N TYR B 182 -0.35 11.03 7.31
CA TYR B 182 0.61 12.02 7.72
C TYR B 182 0.79 13.06 6.62
N LEU B 183 0.83 14.33 7.03
CA LEU B 183 1.16 15.44 6.14
C LEU B 183 2.44 16.08 6.66
N SER B 184 3.49 16.01 5.86
CA SER B 184 4.78 16.57 6.23
C SER B 184 4.90 17.96 5.65
N LEU B 185 5.27 18.91 6.49
CA LEU B 185 5.34 20.31 6.10
C LEU B 185 6.62 20.90 6.67
N THR B 186 7.04 22.05 6.12
CA THR B 186 8.03 22.83 6.86
C THR B 186 7.32 23.69 7.89
N PRO B 187 8.00 24.07 8.96
CA PRO B 187 7.38 24.97 9.95
C PRO B 187 6.81 26.24 9.31
N GLU B 188 7.43 26.75 8.25
CA GLU B 188 6.98 27.97 7.60
C GLU B 188 5.69 27.73 6.82
N GLN B 189 5.59 26.60 6.12
CA GLN B 189 4.33 26.22 5.51
C GLN B 189 3.23 26.13 6.55
N TRP B 190 3.49 25.39 7.63
CA TRP B 190 2.52 25.24 8.70
C TRP B 190 2.02 26.60 9.17
N LYS B 191 2.95 27.49 9.56
CA LYS B 191 2.56 28.78 10.12
C LYS B 191 1.86 29.68 9.12
N SER B 192 2.08 29.48 7.82
CA SER B 192 1.62 30.40 6.78
C SER B 192 0.16 30.22 6.40
N HIS B 193 -0.50 29.15 6.83
CA HIS B 193 -1.88 28.89 6.47
C HIS B 193 -2.80 29.08 7.67
N ARG B 194 -4.07 29.31 7.39
N ARG B 194 -4.07 29.32 7.38
CA ARG B 194 -5.07 29.52 8.42
CA ARG B 194 -5.07 29.52 8.43
C ARG B 194 -5.68 28.22 8.93
C ARG B 194 -5.64 28.21 8.96
N SER B 195 -5.67 27.16 8.13
CA SER B 195 -6.24 25.89 8.56
C SER B 195 -5.66 24.76 7.71
N TYR B 196 -5.67 23.56 8.30
CA TYR B 196 -5.33 22.32 7.62
C TYR B 196 -6.41 21.32 7.97
N SER B 197 -6.81 20.50 7.01
CA SER B 197 -7.89 19.56 7.25
C SER B 197 -7.55 18.17 6.74
N CYS B 198 -8.05 17.17 7.45
N CYS B 198 -7.98 17.15 7.46
CA CYS B 198 -8.01 15.76 7.07
CA CYS B 198 -7.96 15.80 6.92
C CYS B 198 -9.43 15.29 6.80
C CYS B 198 -9.40 15.32 6.76
N ARG B 199 -9.66 14.70 5.62
CA ARG B 199 -10.99 14.24 5.21
C ARG B 199 -10.93 12.73 4.97
N VAL B 200 -11.69 11.96 5.75
CA VAL B 200 -11.64 10.49 5.71
C VAL B 200 -12.95 10.00 5.13
N THR B 201 -12.88 9.32 3.98
CA THR B 201 -14.06 8.76 3.33
C THR B 201 -14.16 7.27 3.63
N HIS B 202 -15.32 6.84 4.11
CA HIS B 202 -15.59 5.44 4.43
C HIS B 202 -17.02 5.14 3.99
N GLU B 203 -17.19 4.18 3.08
CA GLU B 203 -18.51 3.88 2.52
C GLU B 203 -19.21 5.16 1.99
N GLY B 204 -18.52 5.83 1.09
CA GLY B 204 -19.09 6.98 0.41
C GLY B 204 -19.41 8.19 1.27
N SER B 205 -19.14 8.12 2.58
CA SER B 205 -19.38 9.23 3.50
C SER B 205 -18.08 9.69 4.14
N THR B 206 -17.98 10.99 4.43
CA THR B 206 -16.70 11.60 4.77
C THR B 206 -16.78 12.32 6.11
N VAL B 207 -15.74 12.13 6.93
CA VAL B 207 -15.57 12.81 8.21
C VAL B 207 -14.35 13.71 8.08
N GLU B 208 -14.49 14.98 8.46
CA GLU B 208 -13.42 15.94 8.28
C GLU B 208 -13.11 16.62 9.61
N LYS B 209 -11.82 16.66 9.97
CA LYS B 209 -11.33 17.38 11.13
C LYS B 209 -10.35 18.47 10.70
N THR B 210 -10.34 19.56 11.46
CA THR B 210 -9.62 20.76 11.07
C THR B 210 -8.79 21.26 12.26
N VAL B 211 -7.55 21.68 12.00
CA VAL B 211 -6.73 22.34 13.01
C VAL B 211 -6.27 23.70 12.47
N ALA B 212 -6.02 24.64 13.39
CA ALA B 212 -5.63 25.99 13.00
C ALA B 212 -4.23 26.27 13.53
N PRO B 213 -3.26 26.64 12.69
CA PRO B 213 -1.93 26.94 13.21
C PRO B 213 -1.89 28.02 14.28
N ALA B 214 -2.88 28.93 14.31
CA ALA B 214 -2.85 30.02 15.29
C ALA B 214 -3.23 29.57 16.69
N GLU B 215 -3.82 28.38 16.83
CA GLU B 215 -4.29 27.86 18.11
C GLU B 215 -3.34 26.80 18.65
N CYS B 216 -3.41 26.60 19.97
N CYS B 216 -3.38 26.60 19.96
CA CYS B 216 -2.64 25.58 20.69
CA CYS B 216 -2.65 25.51 20.61
C CYS B 216 -1.17 25.59 20.27
C CYS B 216 -1.14 25.61 20.39
N SER B 217 -0.64 26.79 20.07
CA SER B 217 0.78 26.96 19.74
C SER B 217 1.59 27.37 20.97
#